data_6O80
#
_entry.id   6O80
#
_cell.length_a   100.590
_cell.length_b   100.590
_cell.length_c   40.610
_cell.angle_alpha   90.00
_cell.angle_beta   90.00
_cell.angle_gamma   120.00
#
_symmetry.space_group_name_H-M   'P 31 2 1'
#
loop_
_entity.id
_entity.type
_entity.pdbx_description
1 polymer 'Putative Eukaryotic translation initiation factor 4E type 5'
2 non-polymer "7-METHYL-GUANOSINE-5'-TRIPHOSPHATE"
3 non-polymer 'SULFATE ION'
4 water water
#
_entity_poly.entity_id   1
_entity_poly.type   'polypeptide(L)'
_entity_poly.pdbx_seq_one_letter_code
;MSYYHHHHHHLESTSLYKKAGCMKETAHALKDPWFLSYIPQLTPDTVKYDFKGDWNKAKQALQQPLDYIRTVEEFWSTIN
SLPKLHQLGNGSTFIFARNNVDASYEAFPNGTRVLVDLYKASVAEKGMDFVLSSVLGEGLTYDVFNGKKVCDVVRLSSRP
NQESPELVRLEVWLSDQLYAKDVIPYIRKGLNEAGLSFTDFIMGESTFEKDKKKPSVSGAKS
;
_entity_poly.pdbx_strand_id   A
#
loop_
_chem_comp.id
_chem_comp.type
_chem_comp.name
_chem_comp.formula
MGP non-polymer 7-METHYL-GUANOSINE-5'-TRIPHOSPHATE 'C11 H19 N5 O14 P3 1'
SO4 non-polymer 'SULFATE ION' 'O4 S -2'
#
# COMPACT_ATOMS: atom_id res chain seq x y z
N ALA A 27 10.49 7.51 -21.62
CA ALA A 27 9.24 7.86 -20.94
C ALA A 27 8.04 7.04 -21.45
N HIS A 28 7.57 6.09 -20.61
CA HIS A 28 6.41 5.21 -20.84
C HIS A 28 5.36 5.49 -19.77
N ALA A 29 4.34 6.32 -20.08
CA ALA A 29 3.31 6.71 -19.12
C ALA A 29 2.45 5.58 -18.56
N LEU A 30 2.23 5.58 -17.23
CA LEU A 30 1.35 4.67 -16.51
C LEU A 30 -0.08 5.00 -16.97
N LYS A 31 -1.06 4.11 -16.79
CA LYS A 31 -2.48 4.33 -17.16
C LYS A 31 -3.01 5.60 -16.48
N ASP A 32 -2.54 5.84 -15.26
CA ASP A 32 -2.83 7.02 -14.47
C ASP A 32 -1.60 7.33 -13.65
N PRO A 33 -1.32 8.63 -13.43
CA PRO A 33 -0.22 8.97 -12.52
C PRO A 33 -0.66 8.74 -11.07
N TRP A 34 0.33 8.47 -10.20
CA TRP A 34 0.12 8.20 -8.76
C TRP A 34 0.92 9.14 -7.93
N PHE A 35 0.31 9.70 -6.88
CA PHE A 35 1.05 10.59 -6.01
C PHE A 35 1.49 9.86 -4.75
N LEU A 36 2.81 9.93 -4.46
CA LEU A 36 3.45 9.37 -3.29
C LEU A 36 3.60 10.39 -2.16
N SER A 37 2.97 10.08 -1.01
CA SER A 37 3.07 10.90 0.20
C SER A 37 3.60 10.07 1.35
N TYR A 38 4.15 10.77 2.34
CA TYR A 38 4.71 10.19 3.55
C TYR A 38 4.06 10.77 4.79
N ILE A 39 3.65 9.91 5.72
CA ILE A 39 3.15 10.32 7.02
C ILE A 39 4.09 9.71 8.07
N PRO A 40 5.01 10.50 8.68
CA PRO A 40 5.92 9.93 9.69
C PRO A 40 5.24 9.52 10.99
N GLN A 41 5.56 8.33 11.49
CA GLN A 41 5.12 7.79 12.79
C GLN A 41 3.60 8.01 13.09
N LEU A 42 2.77 7.77 12.07
CA LEU A 42 1.30 7.84 12.14
C LEU A 42 0.81 6.64 12.98
N THR A 43 0.65 6.88 14.29
CA THR A 43 0.20 5.87 15.26
C THR A 43 -1.15 6.32 15.85
N PRO A 44 -2.07 5.38 16.27
CA PRO A 44 -3.34 5.84 16.89
C PRO A 44 -3.14 6.68 18.16
N ASP A 45 -2.01 6.49 18.88
CA ASP A 45 -1.67 7.23 20.10
C ASP A 45 -1.24 8.68 19.83
N THR A 46 -0.59 8.95 18.68
CA THR A 46 -0.20 10.32 18.28
C THR A 46 -1.44 11.14 17.87
N VAL A 47 -2.47 10.45 17.34
CA VAL A 47 -3.77 10.99 16.90
C VAL A 47 -4.61 11.37 18.15
N LYS A 48 -4.41 10.66 19.28
CA LYS A 48 -5.10 10.85 20.57
C LYS A 48 -4.90 12.25 21.19
N TYR A 49 -3.76 12.92 20.87
CA TYR A 49 -3.50 14.30 21.34
C TYR A 49 -3.86 15.35 20.26
N ASP A 50 -3.70 14.98 18.96
CA ASP A 50 -3.99 15.79 17.78
C ASP A 50 -5.50 16.04 17.67
N PHE A 51 -6.31 14.96 17.70
CA PHE A 51 -7.78 14.99 17.60
C PHE A 51 -8.39 13.86 18.43
N TRP A 55 -9.32 13.12 12.08
CA TRP A 55 -8.28 12.52 11.24
C TRP A 55 -7.67 13.52 10.24
N ASN A 56 -8.51 14.34 9.56
CA ASN A 56 -8.07 15.31 8.54
C ASN A 56 -7.18 16.39 9.13
N LYS A 57 -7.41 16.73 10.42
CA LYS A 57 -6.60 17.70 11.15
C LYS A 57 -5.19 17.11 11.31
N ALA A 58 -5.09 15.81 11.65
CA ALA A 58 -3.84 15.08 11.84
C ALA A 58 -3.11 14.76 10.52
N LYS A 59 -3.84 14.29 9.49
CA LYS A 59 -3.31 13.92 8.16
C LYS A 59 -2.67 15.13 7.48
N GLN A 60 -3.40 16.23 7.30
CA GLN A 60 -2.93 17.47 6.68
C GLN A 60 -1.74 18.14 7.41
N ALA A 61 -1.64 17.94 8.74
CA ALA A 61 -0.56 18.49 9.57
C ALA A 61 0.74 17.69 9.51
N LEU A 62 0.66 16.35 9.35
CA LEU A 62 1.85 15.49 9.33
C LEU A 62 2.29 15.00 7.95
N GLN A 63 1.39 15.00 6.95
CA GLN A 63 1.69 14.49 5.60
C GLN A 63 2.76 15.31 4.87
N GLN A 64 3.69 14.63 4.23
CA GLN A 64 4.76 15.22 3.44
C GLN A 64 4.64 14.73 2.00
N PRO A 65 4.64 15.63 0.99
CA PRO A 65 4.60 15.15 -0.40
C PRO A 65 5.97 14.55 -0.77
N LEU A 66 6.00 13.48 -1.58
CA LEU A 66 7.30 12.86 -1.93
C LEU A 66 7.55 12.88 -3.44
N ASP A 67 6.65 12.27 -4.24
CA ASP A 67 6.85 12.21 -5.68
C ASP A 67 5.57 12.03 -6.42
N TYR A 68 5.59 12.45 -7.69
CA TYR A 68 4.49 12.28 -8.58
C TYR A 68 4.97 11.31 -9.65
N ILE A 69 4.44 10.09 -9.61
CA ILE A 69 4.86 9.01 -10.49
C ILE A 69 3.98 8.95 -11.73
N ARG A 70 4.57 9.30 -12.88
CA ARG A 70 3.89 9.38 -14.17
C ARG A 70 4.24 8.27 -15.15
N THR A 71 5.48 7.73 -15.07
CA THR A 71 5.99 6.74 -16.02
C THR A 71 6.55 5.50 -15.32
N VAL A 72 6.81 4.42 -16.10
CA VAL A 72 7.39 3.20 -15.61
C VAL A 72 8.79 3.47 -15.04
N GLU A 73 9.59 4.28 -15.76
CA GLU A 73 10.95 4.66 -15.34
C GLU A 73 10.95 5.39 -13.98
N GLU A 74 9.95 6.28 -13.72
CA GLU A 74 9.81 6.97 -12.42
C GLU A 74 9.34 6.01 -11.36
N PHE A 75 8.45 5.04 -11.73
CA PHE A 75 7.97 3.98 -10.84
C PHE A 75 9.14 3.24 -10.22
N TRP A 76 10.01 2.66 -11.07
CA TRP A 76 11.16 1.89 -10.59
C TRP A 76 12.22 2.73 -9.90
N SER A 77 12.44 3.98 -10.36
CA SER A 77 13.37 4.88 -9.71
C SER A 77 12.91 5.14 -8.26
N THR A 78 11.63 5.47 -8.06
CA THR A 78 10.98 5.75 -6.78
C THR A 78 10.96 4.53 -5.83
N ILE A 79 10.45 3.38 -6.33
CA ILE A 79 10.34 2.13 -5.58
C ILE A 79 11.73 1.65 -5.13
N ASN A 80 12.71 1.69 -6.03
CA ASN A 80 14.06 1.23 -5.69
C ASN A 80 14.83 2.22 -4.79
N SER A 81 14.33 3.47 -4.64
CA SER A 81 14.94 4.53 -3.81
C SER A 81 14.19 4.75 -2.49
N LEU A 82 13.14 3.95 -2.21
CA LEU A 82 12.39 4.13 -0.97
C LEU A 82 13.26 3.82 0.27
N PRO A 83 13.29 4.73 1.29
CA PRO A 83 14.05 4.43 2.52
C PRO A 83 13.33 3.30 3.25
N LYS A 84 14.11 2.38 3.86
CA LYS A 84 13.58 1.22 4.57
C LYS A 84 12.59 1.66 5.64
N LEU A 85 11.36 1.12 5.59
CA LEU A 85 10.29 1.50 6.52
C LEU A 85 10.60 1.24 7.99
N HIS A 86 11.37 0.16 8.28
CA HIS A 86 11.76 -0.19 9.65
C HIS A 86 12.80 0.79 10.25
N GLN A 87 13.63 1.47 9.42
CA GLN A 87 14.62 2.46 9.87
C GLN A 87 13.92 3.80 10.17
N LEU A 88 12.66 3.91 9.78
CA LEU A 88 11.76 5.03 10.05
C LEU A 88 10.86 4.47 11.16
N GLY A 89 10.26 5.34 11.96
CA GLY A 89 9.47 4.90 13.11
C GLY A 89 8.29 3.96 12.87
N ASN A 90 7.76 3.42 13.97
CA ASN A 90 6.56 2.59 13.98
C ASN A 90 5.44 3.53 13.54
N GLY A 91 4.67 3.14 12.54
CA GLY A 91 3.60 4.00 12.06
C GLY A 91 3.98 4.85 10.87
N SER A 92 5.29 4.84 10.49
CA SER A 92 5.75 5.56 9.28
C SER A 92 5.01 4.95 8.10
N THR A 93 4.28 5.79 7.37
CA THR A 93 3.44 5.35 6.24
C THR A 93 3.77 6.02 4.92
N PHE A 94 3.78 5.22 3.84
CA PHE A 94 3.85 5.67 2.45
C PHE A 94 2.49 5.46 1.84
N ILE A 95 1.93 6.49 1.19
CA ILE A 95 0.63 6.42 0.51
C ILE A 95 0.82 6.68 -0.98
N PHE A 96 0.35 5.75 -1.82
CA PHE A 96 0.33 5.87 -3.29
C PHE A 96 -1.12 6.12 -3.64
N ALA A 97 -1.44 7.34 -4.14
CA ALA A 97 -2.82 7.73 -4.49
C ALA A 97 -3.00 7.97 -5.99
N ARG A 98 -3.87 7.18 -6.65
CA ARG A 98 -4.16 7.31 -8.06
C ARG A 98 -4.74 8.68 -8.31
N ASN A 99 -4.18 9.41 -9.31
CA ASN A 99 -4.59 10.76 -9.68
C ASN A 99 -4.53 11.72 -8.55
N ASN A 100 -3.68 11.44 -7.53
CA ASN A 100 -3.53 12.35 -6.41
C ASN A 100 -4.83 12.53 -5.58
N VAL A 101 -5.67 11.49 -5.49
CA VAL A 101 -6.91 11.54 -4.67
C VAL A 101 -6.57 11.48 -3.18
N ASP A 102 -7.53 11.90 -2.34
CA ASP A 102 -7.42 11.86 -0.88
C ASP A 102 -7.56 10.41 -0.43
N ALA A 103 -6.61 9.94 0.36
CA ALA A 103 -6.63 8.59 0.87
C ALA A 103 -7.40 8.54 2.18
N SER A 104 -8.71 8.82 2.10
CA SER A 104 -9.61 8.85 3.25
C SER A 104 -10.58 7.69 3.25
N TYR A 105 -10.87 7.13 4.45
CA TYR A 105 -11.84 6.05 4.66
C TYR A 105 -13.21 6.47 4.15
N GLU A 106 -13.51 7.76 4.32
CA GLU A 106 -14.72 8.50 3.96
C GLU A 106 -15.00 8.48 2.45
N ALA A 107 -13.93 8.50 1.61
CA ALA A 107 -14.03 8.49 0.15
C ALA A 107 -14.39 7.11 -0.44
N PHE A 108 -14.28 6.02 0.35
CA PHE A 108 -14.59 4.66 -0.10
C PHE A 108 -15.64 4.01 0.83
N PRO A 109 -16.91 4.46 0.74
CA PRO A 109 -17.95 3.93 1.65
C PRO A 109 -18.27 2.45 1.52
N ASN A 110 -18.22 1.91 0.29
CA ASN A 110 -18.54 0.51 0.01
C ASN A 110 -17.27 -0.33 -0.17
N GLY A 111 -16.11 0.30 0.06
CA GLY A 111 -14.83 -0.35 -0.13
C GLY A 111 -14.31 -1.15 1.03
N THR A 112 -13.09 -1.66 0.86
CA THR A 112 -12.36 -2.46 1.86
C THR A 112 -10.85 -2.29 1.66
N ARG A 113 -10.06 -2.83 2.59
CA ARG A 113 -8.60 -2.84 2.53
C ARG A 113 -8.17 -4.27 2.55
N VAL A 114 -7.50 -4.74 1.51
CA VAL A 114 -6.88 -6.05 1.52
C VAL A 114 -5.51 -5.82 2.20
N LEU A 115 -5.18 -6.64 3.18
CA LEU A 115 -3.94 -6.47 3.96
C LEU A 115 -2.95 -7.54 3.63
N VAL A 116 -1.66 -7.17 3.62
CA VAL A 116 -0.53 -8.09 3.45
C VAL A 116 0.47 -7.70 4.53
N ASP A 117 0.73 -8.59 5.48
CA ASP A 117 1.74 -8.33 6.52
C ASP A 117 2.97 -9.15 6.19
N LEU A 118 4.11 -8.48 6.06
CA LEU A 118 5.38 -9.09 5.66
C LEU A 118 6.29 -9.01 6.84
N TYR A 119 6.79 -10.14 7.29
CA TYR A 119 7.52 -10.27 8.54
C TYR A 119 8.98 -9.81 8.51
N LYS A 120 9.73 -10.12 7.44
CA LYS A 120 11.16 -9.77 7.42
C LYS A 120 11.46 -8.73 6.35
N ALA A 121 12.54 -7.94 6.53
CA ALA A 121 12.94 -6.88 5.60
C ALA A 121 13.24 -7.44 4.19
N SER A 122 13.86 -8.64 4.10
CA SER A 122 14.16 -9.28 2.82
C SER A 122 12.89 -9.57 1.97
N VAL A 123 11.86 -10.13 2.61
CA VAL A 123 10.62 -10.50 1.95
C VAL A 123 9.77 -9.27 1.69
N ALA A 124 9.91 -8.23 2.54
CA ALA A 124 9.11 -7.01 2.39
C ALA A 124 9.35 -6.33 1.04
N GLU A 125 10.61 -6.26 0.58
CA GLU A 125 10.99 -5.69 -0.70
C GLU A 125 10.39 -6.45 -1.90
N LYS A 126 10.54 -7.79 -1.92
CA LYS A 126 10.01 -8.65 -2.97
C LYS A 126 8.47 -8.55 -3.04
N GLY A 127 7.83 -8.48 -1.86
CA GLY A 127 6.38 -8.37 -1.72
C GLY A 127 5.84 -7.03 -2.16
N MET A 128 6.49 -5.98 -1.68
CA MET A 128 6.18 -4.58 -1.99
C MET A 128 6.29 -4.37 -3.52
N ASP A 129 7.38 -4.88 -4.15
CA ASP A 129 7.61 -4.80 -5.59
C ASP A 129 6.48 -5.50 -6.32
N PHE A 130 6.05 -6.67 -5.84
CA PHE A 130 4.97 -7.37 -6.50
C PHE A 130 3.65 -6.57 -6.40
N VAL A 131 3.30 -6.14 -5.20
CA VAL A 131 2.01 -5.50 -5.01
C VAL A 131 1.93 -4.17 -5.75
N LEU A 132 2.95 -3.31 -5.63
CA LEU A 132 2.93 -2.00 -6.29
C LEU A 132 2.92 -2.11 -7.84
N SER A 133 3.65 -3.08 -8.38
CA SER A 133 3.73 -3.33 -9.81
C SER A 133 2.36 -3.84 -10.31
N SER A 134 1.70 -4.67 -9.51
CA SER A 134 0.38 -5.22 -9.82
C SER A 134 -0.69 -4.12 -9.86
N VAL A 135 -0.57 -3.14 -8.97
CA VAL A 135 -1.52 -2.03 -8.84
C VAL A 135 -1.20 -0.90 -9.84
N LEU A 136 -0.04 -0.26 -9.74
CA LEU A 136 0.31 0.87 -10.62
C LEU A 136 0.49 0.44 -12.08
N GLY A 137 0.82 -0.83 -12.27
CA GLY A 137 0.99 -1.46 -13.56
C GLY A 137 -0.29 -2.03 -14.10
N GLU A 138 -1.40 -1.87 -13.37
CA GLU A 138 -2.76 -2.31 -13.77
C GLU A 138 -2.87 -3.81 -14.01
N GLY A 139 -2.01 -4.58 -13.34
CA GLY A 139 -2.05 -6.04 -13.36
C GLY A 139 -3.32 -6.54 -12.73
N LEU A 140 -3.68 -6.02 -11.52
CA LEU A 140 -4.94 -6.33 -10.82
C LEU A 140 -6.15 -5.93 -11.68
N THR A 141 -6.10 -4.76 -12.35
CA THR A 141 -7.19 -4.22 -13.17
C THR A 141 -7.61 -5.16 -14.29
N TYR A 142 -6.64 -5.68 -15.03
CA TYR A 142 -6.98 -6.52 -16.13
C TYR A 142 -7.08 -8.00 -15.76
N ASP A 143 -6.41 -8.44 -14.66
CA ASP A 143 -6.52 -9.84 -14.27
C ASP A 143 -7.70 -10.17 -13.37
N VAL A 144 -8.13 -9.22 -12.53
CA VAL A 144 -9.18 -9.44 -11.52
C VAL A 144 -10.41 -8.57 -11.74
N PHE A 145 -10.22 -7.26 -12.01
CA PHE A 145 -11.31 -6.31 -12.10
C PHE A 145 -11.93 -6.14 -13.49
N ASN A 146 -11.55 -7.01 -14.45
CA ASN A 146 -12.04 -7.03 -15.82
C ASN A 146 -11.93 -5.68 -16.55
N GLY A 147 -10.93 -4.90 -16.18
CA GLY A 147 -10.70 -3.59 -16.77
C GLY A 147 -11.19 -2.41 -15.95
N LYS A 148 -11.94 -2.66 -14.86
CA LYS A 148 -12.41 -1.63 -13.94
C LYS A 148 -11.23 -1.24 -12.97
N LYS A 149 -11.06 0.07 -12.69
CA LYS A 149 -10.04 0.65 -11.80
C LYS A 149 -10.56 0.69 -10.37
N VAL A 150 -10.67 -0.48 -9.73
CA VAL A 150 -11.19 -0.66 -8.38
C VAL A 150 -10.18 -0.19 -7.30
N CYS A 151 -8.87 -0.24 -7.59
CA CYS A 151 -7.88 0.20 -6.58
C CYS A 151 -7.28 1.57 -6.89
N ASP A 152 -7.48 2.52 -5.98
CA ASP A 152 -7.05 3.92 -6.08
C ASP A 152 -5.96 4.26 -5.05
N VAL A 153 -5.77 3.39 -4.04
CA VAL A 153 -4.82 3.64 -2.96
C VAL A 153 -4.05 2.36 -2.58
N VAL A 154 -2.77 2.51 -2.31
CA VAL A 154 -1.88 1.50 -1.74
C VAL A 154 -1.14 2.20 -0.63
N ARG A 155 -1.17 1.61 0.58
CA ARG A 155 -0.47 2.12 1.76
C ARG A 155 0.53 1.08 2.24
N LEU A 156 1.69 1.58 2.66
CA LEU A 156 2.82 0.81 3.14
C LEU A 156 3.12 1.37 4.51
N SER A 157 3.03 0.55 5.55
CA SER A 157 3.29 0.99 6.91
C SER A 157 4.31 0.13 7.64
N SER A 158 5.11 0.77 8.50
CA SER A 158 6.01 0.00 9.37
C SER A 158 5.15 -0.32 10.58
N ARG A 159 4.94 -1.61 10.90
CA ARG A 159 4.18 -1.89 12.13
C ARG A 159 4.80 -3.00 12.94
N PRO A 160 5.94 -2.66 13.59
CA PRO A 160 6.61 -3.65 14.44
C PRO A 160 5.82 -3.94 15.71
N ASN A 161 5.79 -5.21 16.12
CA ASN A 161 5.21 -5.68 17.37
C ASN A 161 6.31 -6.43 18.14
N GLN A 162 6.08 -6.78 19.43
CA GLN A 162 7.06 -7.47 20.28
C GLN A 162 7.65 -8.71 19.58
N GLU A 163 6.75 -9.55 19.04
CA GLU A 163 7.02 -10.79 18.32
C GLU A 163 7.79 -10.57 17.00
N SER A 164 7.34 -9.60 16.14
CA SER A 164 7.97 -9.31 14.84
C SER A 164 8.36 -7.82 14.65
N PRO A 165 9.65 -7.50 14.94
CA PRO A 165 10.11 -6.10 14.87
C PRO A 165 10.33 -5.50 13.47
N GLU A 166 10.34 -6.31 12.39
CA GLU A 166 10.54 -5.80 11.03
C GLU A 166 9.23 -5.77 10.23
N LEU A 167 8.10 -6.15 10.86
CA LEU A 167 6.78 -6.23 10.25
C LEU A 167 6.37 -4.97 9.47
N VAL A 168 6.08 -5.15 8.17
CA VAL A 168 5.65 -4.13 7.23
C VAL A 168 4.25 -4.51 6.78
N ARG A 169 3.30 -3.55 6.81
CA ARG A 169 1.94 -3.80 6.35
C ARG A 169 1.66 -3.14 5.00
N LEU A 170 1.16 -3.91 4.03
CA LEU A 170 0.70 -3.36 2.76
C LEU A 170 -0.82 -3.35 2.78
N GLU A 171 -1.43 -2.32 2.22
CA GLU A 171 -2.88 -2.21 2.15
C GLU A 171 -3.28 -1.87 0.75
N VAL A 172 -4.13 -2.71 0.17
CA VAL A 172 -4.64 -2.55 -1.19
C VAL A 172 -6.08 -2.12 -1.01
N TRP A 173 -6.32 -0.80 -1.18
CA TRP A 173 -7.64 -0.21 -0.99
C TRP A 173 -8.54 -0.49 -2.19
N LEU A 174 -9.74 -1.01 -1.94
CA LEU A 174 -10.72 -1.31 -2.99
C LEU A 174 -11.96 -0.43 -2.84
N SER A 175 -12.50 0.05 -3.97
CA SER A 175 -13.72 0.86 -4.00
C SER A 175 -14.91 0.00 -3.72
N ASP A 176 -14.81 -1.32 -4.03
CA ASP A 176 -15.89 -2.28 -3.86
C ASP A 176 -15.40 -3.53 -3.12
N GLN A 177 -15.99 -3.76 -1.92
CA GLN A 177 -15.73 -4.88 -1.02
C GLN A 177 -15.84 -6.26 -1.71
N LEU A 178 -16.81 -6.43 -2.65
CA LEU A 178 -17.06 -7.68 -3.38
C LEU A 178 -15.82 -8.26 -4.06
N TYR A 179 -14.91 -7.39 -4.53
CA TYR A 179 -13.67 -7.78 -5.19
C TYR A 179 -12.58 -8.35 -4.24
N ALA A 180 -12.72 -8.19 -2.90
CA ALA A 180 -11.73 -8.68 -1.91
C ALA A 180 -11.51 -10.17 -1.97
N LYS A 181 -12.58 -10.94 -2.22
CA LYS A 181 -12.58 -12.39 -2.35
C LYS A 181 -11.74 -12.83 -3.54
N ASP A 182 -11.56 -11.93 -4.54
CA ASP A 182 -10.80 -12.17 -5.76
C ASP A 182 -9.35 -11.65 -5.67
N VAL A 183 -9.17 -10.53 -4.97
CA VAL A 183 -7.87 -9.89 -4.78
C VAL A 183 -6.97 -10.70 -3.84
N ILE A 184 -7.54 -11.20 -2.72
CA ILE A 184 -6.78 -11.98 -1.73
C ILE A 184 -6.07 -13.20 -2.39
N PRO A 185 -6.77 -14.17 -3.08
CA PRO A 185 -6.04 -15.30 -3.71
C PRO A 185 -5.08 -14.86 -4.83
N TYR A 186 -5.43 -13.79 -5.57
CA TYR A 186 -4.57 -13.24 -6.62
C TYR A 186 -3.23 -12.74 -6.04
N ILE A 187 -3.31 -11.94 -4.97
CA ILE A 187 -2.11 -11.43 -4.30
C ILE A 187 -1.33 -12.58 -3.65
N ARG A 188 -2.03 -13.51 -2.95
CA ARG A 188 -1.36 -14.66 -2.36
C ARG A 188 -0.53 -15.42 -3.40
N LYS A 189 -1.15 -15.83 -4.52
CA LYS A 189 -0.48 -16.55 -5.61
C LYS A 189 0.69 -15.77 -6.19
N GLY A 190 0.50 -14.48 -6.44
CA GLY A 190 1.56 -13.66 -6.98
C GLY A 190 2.75 -13.51 -6.03
N LEU A 191 2.49 -13.45 -4.71
CA LEU A 191 3.60 -13.37 -3.75
C LEU A 191 4.35 -14.70 -3.67
N ASN A 192 3.60 -15.83 -3.64
CA ASN A 192 4.15 -17.18 -3.69
C ASN A 192 5.03 -17.33 -4.94
N GLU A 193 4.51 -16.95 -6.14
CA GLU A 193 5.25 -16.99 -7.42
C GLU A 193 6.51 -16.12 -7.39
N ALA A 194 6.46 -14.94 -6.73
CA ALA A 194 7.58 -14.02 -6.50
C ALA A 194 8.60 -14.60 -5.49
N GLY A 195 8.35 -15.81 -4.99
CA GLY A 195 9.26 -16.48 -4.08
C GLY A 195 8.96 -16.42 -2.59
N LEU A 196 7.82 -15.83 -2.16
CA LEU A 196 7.51 -15.79 -0.72
C LEU A 196 6.80 -17.07 -0.30
N SER A 197 7.19 -17.58 0.87
CA SER A 197 6.58 -18.77 1.46
C SER A 197 5.32 -18.37 2.25
N PHE A 198 4.55 -19.37 2.70
CA PHE A 198 3.33 -19.18 3.51
C PHE A 198 3.67 -18.47 4.81
N THR A 199 4.87 -18.72 5.40
CA THR A 199 5.30 -18.05 6.63
C THR A 199 5.86 -16.63 6.40
N ASP A 200 6.17 -16.22 5.13
CA ASP A 200 6.74 -14.88 4.85
C ASP A 200 5.73 -13.74 4.94
N PHE A 201 4.47 -14.07 4.77
CA PHE A 201 3.40 -13.08 4.74
C PHE A 201 2.10 -13.73 5.19
N ILE A 202 1.16 -12.88 5.59
CA ILE A 202 -0.20 -13.22 5.99
C ILE A 202 -1.14 -12.23 5.27
N MET A 203 -2.25 -12.75 4.73
CA MET A 203 -3.33 -12.01 4.06
C MET A 203 -4.44 -11.70 5.08
N GLY A 204 -5.00 -10.52 4.99
CA GLY A 204 -6.11 -10.06 5.80
C GLY A 204 -6.98 -9.08 5.05
N GLU A 205 -8.00 -8.52 5.73
CA GLU A 205 -8.96 -7.56 5.19
C GLU A 205 -9.59 -6.74 6.33
N SER A 206 -9.73 -5.42 6.11
CA SER A 206 -10.40 -4.50 7.03
C SER A 206 -11.34 -3.61 6.24
N THR A 207 -12.60 -3.57 6.63
CA THR A 207 -13.62 -2.76 5.95
C THR A 207 -13.51 -1.29 6.31
N PHE A 208 -14.18 -0.43 5.53
CA PHE A 208 -14.24 1.00 5.81
C PHE A 208 -15.61 1.30 6.41
PA MGP B . -3.36 4.38 10.87
O1A MGP B . -1.91 4.10 11.30
O2A MGP B . -3.55 4.62 9.42
O3A MGP B . -4.23 3.13 11.35
O5' MGP B . -3.85 5.73 11.65
PB MGP B . -4.66 1.76 10.67
O1B MGP B . -3.62 1.42 9.60
O2B MGP B . -6.07 1.78 10.22
O3B MGP B . -4.48 0.71 11.87
PC MGP B . -5.49 -0.19 12.69
O1C MGP B . -6.89 0.38 12.41
O2C MGP B . -5.14 -0.18 14.14
O3C MGP B . -5.44 -1.60 12.08
C5' MGP B . -3.94 5.87 13.08
C4' MGP B . -5.32 6.36 13.46
O4' MGP B . -5.70 7.46 12.60
C3' MGP B . -6.45 5.35 13.31
O3' MGP B . -6.58 4.53 14.46
C2' MGP B . -7.68 6.24 13.09
O2' MGP B . -8.25 6.69 14.31
C1' MGP B . -7.08 7.40 12.30
N9 MGP B . -7.26 7.31 10.83
C8 MGP B . -6.29 7.05 9.94
N7 MGP B . -6.75 7.19 8.71
CM7 MGP B . -5.96 6.97 7.50
C5 MGP B . -8.08 7.57 8.77
C6 MGP B . -9.07 7.92 7.79
O6 MGP B . -8.92 8.03 6.57
N1 MGP B . -10.28 8.23 8.39
C2 MGP B . -10.52 8.21 9.74
N2 MGP B . -11.77 8.49 10.12
N3 MGP B . -9.60 7.92 10.65
C4 MGP B . -8.40 7.62 10.12
S SO4 C . -3.13 -16.49 4.16
O1 SO4 C . -2.39 -16.79 2.92
O2 SO4 C . -4.49 -15.98 3.86
O3 SO4 C . -3.26 -17.71 4.96
O4 SO4 C . -2.40 -15.50 4.93
#